data_3JUM
#
_entry.id   3JUM
#
_cell.length_a   64.690
_cell.length_b   64.690
_cell.length_c   160.360
_cell.angle_alpha   90.000
_cell.angle_beta   90.000
_cell.angle_gamma   120.000
#
_symmetry.space_group_name_H-M   'P 32 2 1'
#
loop_
_entity.id
_entity.type
_entity.pdbx_description
1 polymer 'Phenazine biosynthesis protein A/B'
2 non-polymer '5-bromo-2-{[(1S,3R)-3-carboxycyclohexyl]amino}benzoic acid'
3 water water
#
_entity_poly.entity_id   1
_entity_poly.type   'polypeptide(L)'
_entity_poly.pdbx_seq_one_letter_code
;MGSSHHHHHHSSGLVPRGSHMSDVESLENTSENRAQVAARQHNRKIVEQYMHTRGEARLKRHLLFTEDGVGGLWTTDSGQ
PIAIRGREKLGEHAVWSLQCFPDWVWTDIQIFETQDPNWFWVECRGEGAIVFPGYPRGQYRNHFLHSFRFENGLIKEQRE
FMNPCEQFRSLGIEVPEVRRDGLPS
;
_entity_poly.pdbx_strand_id   A,B
#
# COMPACT_ATOMS: atom_id res chain seq x y z
N ASN A 29 -21.64 24.67 -6.15
CA ASN A 29 -22.03 25.17 -4.79
C ASN A 29 -23.47 24.76 -4.32
N THR A 30 -23.60 23.47 -4.01
CA THR A 30 -24.87 22.78 -3.74
C THR A 30 -24.76 22.01 -2.40
N SER A 31 -25.85 21.98 -1.64
CA SER A 31 -25.83 21.38 -0.30
C SER A 31 -25.22 19.96 -0.29
N GLU A 32 -25.50 19.18 -1.32
CA GLU A 32 -24.87 17.85 -1.50
C GLU A 32 -23.34 18.02 -1.34
N ASN A 33 -22.83 18.97 -2.12
CA ASN A 33 -21.40 19.28 -2.15
C ASN A 33 -20.89 19.94 -0.87
N ARG A 34 -21.61 20.91 -0.30
CA ARG A 34 -21.18 21.48 0.98
C ARG A 34 -21.06 20.39 2.09
N ALA A 35 -21.97 19.42 2.03
CA ALA A 35 -22.01 18.35 3.03
C ALA A 35 -20.76 17.47 2.87
N GLN A 36 -20.43 17.12 1.62
CA GLN A 36 -19.28 16.30 1.35
C GLN A 36 -18.02 16.99 1.73
N VAL A 37 -17.90 18.26 1.43
CA VAL A 37 -16.68 18.98 1.75
C VAL A 37 -16.47 18.96 3.24
N ALA A 38 -17.54 19.21 3.97
CA ALA A 38 -17.47 19.25 5.44
C ALA A 38 -17.06 17.87 5.94
N ALA A 39 -17.70 16.78 5.47
CA ALA A 39 -17.39 15.43 5.90
C ALA A 39 -15.95 15.12 5.62
N ARG A 40 -15.45 15.46 4.42
CA ARG A 40 -14.07 15.15 4.09
C ARG A 40 -13.14 15.93 5.02
N GLN A 41 -13.43 17.20 5.32
CA GLN A 41 -12.56 18.01 6.22
C GLN A 41 -12.58 17.40 7.60
N HIS A 42 -13.75 16.98 8.06
CA HIS A 42 -13.84 16.41 9.39
C HIS A 42 -13.00 15.14 9.45
N ASN A 43 -13.19 14.31 8.45
CA ASN A 43 -12.51 13.01 8.42
C ASN A 43 -11.00 13.17 8.30
N ARG A 44 -10.55 14.14 7.52
CA ARG A 44 -9.14 14.43 7.43
C ARG A 44 -8.52 14.78 8.78
N LYS A 45 -9.28 15.52 9.60
CA LYS A 45 -8.79 15.88 10.94
C LYS A 45 -8.61 14.60 11.75
N ILE A 46 -9.54 13.64 11.63
CA ILE A 46 -9.46 12.38 12.37
C ILE A 46 -8.26 11.56 11.88
N VAL A 47 -8.01 11.52 10.57
CA VAL A 47 -6.79 10.86 10.05
C VAL A 47 -5.50 11.49 10.60
N GLU A 48 -5.44 12.79 10.62
CA GLU A 48 -4.31 13.48 11.19
C GLU A 48 -4.15 13.12 12.63
N GLN A 49 -5.22 13.14 13.38
CA GLN A 49 -5.10 12.81 14.80
CA GLN A 49 -5.19 12.80 14.82
C GLN A 49 -4.65 11.40 14.99
N TYR A 50 -5.15 10.47 14.18
CA TYR A 50 -4.71 9.05 14.36
C TYR A 50 -3.21 8.97 14.08
N MET A 51 -2.73 9.58 13.02
CA MET A 51 -1.35 9.46 12.58
C MET A 51 -0.39 10.12 13.57
N HIS A 52 -0.86 11.05 14.34
CA HIS A 52 -0.02 11.76 15.29
C HIS A 52 -0.23 11.26 16.74
N THR A 53 -1.03 10.21 16.94
CA THR A 53 -1.23 9.65 18.27
C THR A 53 -0.01 8.84 18.68
N ARG A 54 0.60 9.25 19.79
CA ARG A 54 1.78 8.63 20.33
C ARG A 54 1.63 8.40 21.82
N GLY A 55 2.51 7.54 22.36
CA GLY A 55 2.62 7.39 23.81
C GLY A 55 1.32 6.87 24.39
N GLU A 56 1.07 7.25 25.65
CA GLU A 56 -0.12 6.83 26.32
C GLU A 56 -1.42 7.19 25.65
N ALA A 57 -1.40 8.23 24.82
CA ALA A 57 -2.59 8.64 24.02
C ALA A 57 -3.01 7.47 23.09
N ARG A 58 -2.11 6.52 22.80
CA ARG A 58 -2.50 5.39 22.00
C ARG A 58 -3.55 4.52 22.71
N LEU A 59 -3.58 4.58 24.03
CA LEU A 59 -4.58 3.79 24.76
C LEU A 59 -6.05 4.28 24.48
N LYS A 60 -6.17 5.47 23.93
CA LYS A 60 -7.46 6.04 23.56
C LYS A 60 -7.75 6.21 22.08
N ARG A 61 -6.83 5.72 21.26
CA ARG A 61 -6.98 5.86 19.81
C ARG A 61 -8.23 5.15 19.27
N HIS A 62 -8.68 4.08 19.98
CA HIS A 62 -9.84 3.33 19.62
C HIS A 62 -11.11 4.20 19.65
N LEU A 63 -11.08 5.28 20.40
CA LEU A 63 -12.25 6.21 20.46
C LEU A 63 -12.52 6.90 19.11
N LEU A 64 -11.55 6.82 18.21
CA LEU A 64 -11.71 7.36 16.89
C LEU A 64 -12.53 6.45 15.93
N PHE A 65 -12.89 5.25 16.37
CA PHE A 65 -13.55 4.31 15.55
C PHE A 65 -15.04 4.19 15.89
N THR A 66 -15.83 3.74 14.95
CA THR A 66 -17.22 3.39 15.20
C THR A 66 -17.24 2.23 16.17
N GLU A 67 -18.41 1.98 16.80
CA GLU A 67 -18.49 0.91 17.72
C GLU A 67 -18.10 -0.48 17.14
N ASP A 68 -18.45 -0.69 15.88
CA ASP A 68 -18.13 -1.90 15.17
C ASP A 68 -16.92 -1.75 14.26
N GLY A 69 -16.16 -0.70 14.46
CA GLY A 69 -15.02 -0.42 13.61
C GLY A 69 -13.96 -1.44 13.68
N VAL A 70 -13.23 -1.61 12.55
CA VAL A 70 -12.19 -2.63 12.44
C VAL A 70 -10.83 -1.99 12.11
N GLY A 71 -9.79 -2.47 12.75
CA GLY A 71 -8.41 -2.00 12.40
C GLY A 71 -7.58 -3.24 12.30
N GLY A 72 -6.35 -3.09 11.86
CA GLY A 72 -5.37 -4.15 11.94
C GLY A 72 -4.42 -4.15 10.76
N LEU A 73 -3.74 -5.27 10.65
CA LEU A 73 -2.61 -5.51 9.78
C LEU A 73 -3.00 -6.34 8.57
N TRP A 74 -2.90 -5.78 7.35
CA TRP A 74 -3.36 -6.48 6.17
C TRP A 74 -2.25 -7.15 5.42
N THR A 75 -1.00 -6.98 5.79
CA THR A 75 0.17 -7.61 5.16
C THR A 75 0.91 -8.40 6.24
N THR A 76 0.64 -9.72 6.26
CA THR A 76 1.16 -10.63 7.26
C THR A 76 1.87 -11.80 6.59
N ASP A 77 2.70 -12.46 7.34
CA ASP A 77 3.41 -13.59 6.74
C ASP A 77 2.38 -14.72 6.40
N SER A 78 1.23 -14.81 7.05
CA SER A 78 0.27 -15.91 6.78
C SER A 78 -0.46 -15.67 5.51
N GLY A 79 -0.46 -14.43 5.03
CA GLY A 79 -1.26 -14.02 3.91
C GLY A 79 -2.67 -13.63 4.27
N GLN A 80 -3.09 -13.78 5.52
CA GLN A 80 -4.37 -13.34 5.93
C GLN A 80 -4.26 -12.12 6.88
N PRO A 81 -5.16 -11.15 6.73
CA PRO A 81 -5.15 -10.03 7.69
C PRO A 81 -5.36 -10.44 9.11
N ILE A 82 -4.74 -9.66 9.99
CA ILE A 82 -5.07 -9.68 11.39
C ILE A 82 -6.01 -8.53 11.68
N ALA A 83 -7.31 -8.84 11.73
CA ALA A 83 -8.30 -7.82 11.88
C ALA A 83 -8.75 -7.74 13.36
N ILE A 84 -8.86 -6.56 13.92
CA ILE A 84 -9.27 -6.30 15.28
C ILE A 84 -10.65 -5.66 15.19
N ARG A 85 -11.67 -6.40 15.64
CA ARG A 85 -13.03 -6.05 15.32
CA ARG A 85 -13.04 -6.05 15.34
C ARG A 85 -13.79 -5.47 16.53
N GLY A 86 -14.08 -4.20 16.43
CA GLY A 86 -14.83 -3.52 17.38
C GLY A 86 -14.04 -2.59 18.20
N ARG A 87 -14.68 -1.47 18.52
CA ARG A 87 -14.07 -0.41 19.37
C ARG A 87 -13.50 -0.95 20.66
N GLU A 88 -14.27 -1.76 21.38
CA GLU A 88 -13.78 -2.31 22.62
C GLU A 88 -12.51 -3.21 22.40
N LYS A 89 -12.52 -4.09 21.40
CA LYS A 89 -11.35 -4.93 21.09
C LYS A 89 -10.16 -4.07 20.66
N LEU A 90 -10.39 -2.98 19.91
CA LEU A 90 -9.28 -2.12 19.53
C LEU A 90 -8.66 -1.48 20.77
N GLY A 91 -9.48 -1.10 21.79
CA GLY A 91 -8.87 -0.57 22.97
C GLY A 91 -8.06 -1.57 23.75
N GLU A 92 -8.51 -2.82 23.77
CA GLU A 92 -7.76 -3.86 24.40
C GLU A 92 -6.49 -4.18 23.64
N HIS A 93 -6.57 -4.07 22.32
CA HIS A 93 -5.42 -4.29 21.49
C HIS A 93 -4.34 -3.24 21.76
N ALA A 94 -4.72 -2.02 22.06
CA ALA A 94 -3.79 -0.95 22.32
C ALA A 94 -2.80 -1.28 23.43
N VAL A 95 -3.27 -2.01 24.45
CA VAL A 95 -2.40 -2.44 25.51
C VAL A 95 -1.21 -3.26 25.00
N TRP A 96 -1.55 -4.20 24.13
CA TRP A 96 -0.54 -5.02 23.52
C TRP A 96 0.39 -4.19 22.65
N SER A 97 -0.18 -3.37 21.81
N SER A 97 -0.18 -3.32 21.85
CA SER A 97 0.65 -2.54 20.93
CA SER A 97 0.63 -2.47 20.96
C SER A 97 1.60 -1.58 21.63
C SER A 97 1.64 -1.66 21.69
N LEU A 98 1.18 -1.02 22.74
CA LEU A 98 2.02 -0.17 23.50
C LEU A 98 3.16 -0.93 24.18
N GLN A 99 2.90 -2.14 24.61
CA GLN A 99 3.99 -2.94 25.12
C GLN A 99 5.01 -3.36 24.04
N CYS A 100 4.51 -3.80 22.88
CA CYS A 100 5.37 -4.35 21.86
C CYS A 100 6.06 -3.30 21.02
N PHE A 101 5.48 -2.10 20.97
CA PHE A 101 6.07 -0.99 20.19
C PHE A 101 5.99 0.24 21.12
N PRO A 102 6.86 0.30 22.14
CA PRO A 102 6.66 1.21 23.22
C PRO A 102 6.93 2.68 22.90
N ASP A 103 7.62 3.00 21.84
CA ASP A 103 7.96 4.36 21.51
C ASP A 103 7.65 4.73 20.06
N TRP A 104 6.70 4.04 19.46
CA TRP A 104 6.42 4.13 18.05
C TRP A 104 6.01 5.52 17.59
N VAL A 105 6.62 5.93 16.45
CA VAL A 105 6.22 7.16 15.82
C VAL A 105 6.06 6.91 14.35
N TRP A 106 4.99 7.52 13.77
CA TRP A 106 4.78 7.67 12.34
C TRP A 106 5.45 8.97 11.93
N THR A 107 6.07 8.95 10.76
CA THR A 107 6.74 10.13 10.27
C THR A 107 6.55 10.24 8.77
N ASP A 108 6.99 11.36 8.19
N ASP A 108 6.94 11.39 8.23
CA ASP A 108 6.89 11.57 6.76
CA ASP A 108 6.87 11.67 6.78
C ASP A 108 5.49 11.29 6.28
C ASP A 108 5.49 11.35 6.26
N ILE A 109 4.50 11.81 7.01
CA ILE A 109 3.11 11.49 6.76
C ILE A 109 2.55 12.26 5.62
N GLN A 110 2.02 11.58 4.59
CA GLN A 110 1.34 12.21 3.49
C GLN A 110 -0.06 11.65 3.44
N ILE A 111 -1.04 12.54 3.55
CA ILE A 111 -2.46 12.20 3.56
C ILE A 111 -3.06 12.46 2.21
N PHE A 112 -3.73 11.42 1.69
CA PHE A 112 -4.41 11.48 0.39
C PHE A 112 -5.88 11.40 0.63
N GLU A 113 -6.54 12.51 0.33
CA GLU A 113 -7.95 12.49 0.17
C GLU A 113 -8.27 11.76 -1.14
N THR A 114 -9.48 11.34 -1.26
CA THR A 114 -9.94 10.68 -2.50
C THR A 114 -11.29 11.24 -2.92
N GLN A 115 -11.83 10.71 -4.01
CA GLN A 115 -13.12 11.13 -4.50
C GLN A 115 -14.22 10.78 -3.55
N ASP A 116 -13.97 9.83 -2.66
CA ASP A 116 -14.91 9.41 -1.64
C ASP A 116 -14.58 10.20 -0.39
N PRO A 117 -15.51 11.01 0.16
CA PRO A 117 -15.19 11.77 1.38
C PRO A 117 -14.91 10.97 2.56
N ASN A 118 -15.33 9.73 2.48
CA ASN A 118 -15.16 8.76 3.51
C ASN A 118 -14.05 7.75 3.30
N TRP A 119 -13.14 8.01 2.38
CA TRP A 119 -11.97 7.10 2.19
C TRP A 119 -10.74 7.94 1.95
N PHE A 120 -9.72 7.69 2.79
CA PHE A 120 -8.40 8.27 2.75
C PHE A 120 -7.33 7.19 2.68
N TRP A 121 -6.23 7.58 2.09
CA TRP A 121 -5.03 6.76 2.13
C TRP A 121 -3.90 7.59 2.73
N VAL A 122 -2.98 6.95 3.45
CA VAL A 122 -1.83 7.65 4.01
C VAL A 122 -0.60 6.88 3.58
N GLU A 123 0.41 7.57 3.13
CA GLU A 123 1.72 6.96 2.93
C GLU A 123 2.63 7.60 3.98
N CYS A 124 3.39 6.76 4.68
CA CYS A 124 4.27 7.26 5.71
C CYS A 124 5.41 6.26 5.99
N ARG A 125 6.32 6.73 6.85
CA ARG A 125 7.26 5.83 7.48
C ARG A 125 6.86 5.64 8.92
N GLY A 126 7.48 4.69 9.59
CA GLY A 126 7.28 4.48 10.99
C GLY A 126 8.50 3.77 11.53
N GLU A 127 8.79 4.06 12.78
CA GLU A 127 9.93 3.41 13.45
C GLU A 127 9.77 3.43 14.96
N GLY A 128 10.41 2.44 15.58
CA GLY A 128 10.51 2.37 17.02
C GLY A 128 11.06 1.00 17.41
N ALA A 129 11.29 0.88 18.73
CA ALA A 129 11.66 -0.41 19.30
C ALA A 129 10.54 -1.42 18.97
N ILE A 130 10.96 -2.65 18.78
CA ILE A 130 10.08 -3.74 18.75
C ILE A 130 10.46 -4.73 19.86
N VAL A 131 9.47 -5.07 20.66
CA VAL A 131 9.66 -5.85 21.89
C VAL A 131 8.61 -6.95 21.92
N PHE A 132 8.82 -8.01 21.19
CA PHE A 132 7.92 -9.14 21.10
C PHE A 132 8.43 -10.26 22.00
N PRO A 133 7.52 -10.99 22.63
CA PRO A 133 7.89 -12.21 23.39
C PRO A 133 8.67 -13.17 22.49
N GLY A 134 9.82 -13.62 22.97
CA GLY A 134 10.60 -14.64 22.32
C GLY A 134 11.43 -14.22 21.15
N TYR A 135 11.55 -12.92 20.92
CA TYR A 135 12.52 -12.38 19.94
C TYR A 135 13.36 -11.35 20.60
N PRO A 136 14.62 -11.22 20.18
CA PRO A 136 15.43 -10.21 20.75
C PRO A 136 14.82 -8.83 20.50
N ARG A 137 14.91 -7.91 21.46
CA ARG A 137 14.50 -6.53 21.23
C ARG A 137 15.26 -5.98 20.06
N GLY A 138 14.53 -5.25 19.21
CA GLY A 138 15.05 -4.65 18.00
C GLY A 138 14.61 -3.27 17.71
N GLN A 139 15.11 -2.77 16.59
CA GLN A 139 14.65 -1.50 16.08
C GLN A 139 13.95 -1.76 14.76
N TYR A 140 12.67 -1.45 14.71
CA TYR A 140 11.84 -1.75 13.57
C TYR A 140 11.53 -0.45 12.80
N ARG A 141 11.80 -0.48 11.52
CA ARG A 141 11.45 0.65 10.65
C ARG A 141 10.85 0.12 9.39
N ASN A 142 9.82 0.81 8.89
CA ASN A 142 9.15 0.29 7.66
C ASN A 142 8.59 1.50 6.91
N HIS A 143 8.10 1.18 5.73
N HIS A 143 8.04 1.14 5.75
CA HIS A 143 7.33 2.08 4.90
CA HIS A 143 7.32 2.01 4.81
C HIS A 143 5.91 1.53 4.97
C HIS A 143 5.87 1.53 4.80
N PHE A 144 4.94 2.42 5.11
CA PHE A 144 3.58 2.04 5.34
C PHE A 144 2.61 2.77 4.40
N LEU A 145 1.55 2.01 4.07
CA LEU A 145 0.34 2.58 3.52
C LEU A 145 -0.82 2.23 4.44
N HIS A 146 -1.61 3.21 4.82
CA HIS A 146 -2.77 2.96 5.61
C HIS A 146 -4.02 3.39 4.82
N SER A 147 -5.08 2.59 4.92
CA SER A 147 -6.36 2.91 4.35
C SER A 147 -7.31 3.24 5.50
N PHE A 148 -8.05 4.33 5.36
CA PHE A 148 -9.03 4.69 6.38
C PHE A 148 -10.35 4.94 5.69
N ARG A 149 -11.38 4.21 6.09
CA ARG A 149 -12.73 4.41 5.64
C ARG A 149 -13.56 4.80 6.85
N PHE A 150 -14.47 5.72 6.62
CA PHE A 150 -15.26 6.41 7.65
C PHE A 150 -16.75 6.12 7.53
N GLU A 151 -17.46 6.24 8.65
CA GLU A 151 -18.93 6.22 8.72
C GLU A 151 -19.29 7.09 9.86
N ASN A 152 -20.15 8.02 9.57
CA ASN A 152 -20.65 8.90 10.58
C ASN A 152 -19.56 9.64 11.31
N GLY A 153 -18.50 10.02 10.55
CA GLY A 153 -17.43 10.81 11.13
C GLY A 153 -16.44 10.08 12.03
N LEU A 154 -16.52 8.76 12.06
CA LEU A 154 -15.59 7.91 12.81
C LEU A 154 -15.05 6.84 11.87
N ILE A 155 -13.94 6.25 12.26
CA ILE A 155 -13.27 5.26 11.40
C ILE A 155 -14.02 3.95 11.52
N LYS A 156 -14.46 3.46 10.35
CA LYS A 156 -15.13 2.18 10.25
C LYS A 156 -14.15 1.09 9.90
N GLU A 157 -13.08 1.44 9.17
CA GLU A 157 -12.08 0.41 8.82
C GLU A 157 -10.73 1.07 8.59
N GLN A 158 -9.75 0.64 9.37
CA GLN A 158 -8.35 1.06 9.18
C GLN A 158 -7.59 -0.19 8.78
N ARG A 159 -6.74 -0.09 7.81
CA ARG A 159 -5.89 -1.23 7.34
C ARG A 159 -4.48 -0.72 7.13
N GLU A 160 -3.53 -1.50 7.67
CA GLU A 160 -2.09 -1.24 7.52
C GLU A 160 -1.51 -2.18 6.50
N PHE A 161 -0.72 -1.61 5.58
CA PHE A 161 0.02 -2.37 4.57
C PHE A 161 1.48 -2.00 4.66
N MET A 162 2.34 -2.99 4.85
CA MET A 162 3.78 -2.75 5.00
C MET A 162 4.48 -3.92 4.30
N ASN A 163 5.79 -3.92 4.34
CA ASN A 163 6.58 -5.03 3.83
C ASN A 163 7.00 -5.95 5.02
N PRO A 164 6.40 -7.13 5.16
CA PRO A 164 6.71 -7.94 6.32
C PRO A 164 8.17 -8.28 6.49
N CYS A 165 8.92 -8.27 5.40
CA CYS A 165 10.35 -8.61 5.50
C CYS A 165 11.15 -7.68 6.37
N GLU A 166 10.74 -6.41 6.45
CA GLU A 166 11.46 -5.46 7.30
C GLU A 166 11.16 -5.81 8.75
N GLN A 167 9.95 -6.29 9.03
CA GLN A 167 9.64 -6.70 10.39
C GLN A 167 10.35 -7.97 10.74
N PHE A 168 10.45 -8.96 9.82
CA PHE A 168 11.35 -10.10 10.06
C PHE A 168 12.73 -9.62 10.50
N ARG A 169 13.34 -8.74 9.72
CA ARG A 169 14.70 -8.27 10.02
C ARG A 169 14.79 -7.71 11.39
N SER A 170 13.80 -6.91 11.77
CA SER A 170 13.87 -6.24 13.08
C SER A 170 13.85 -7.24 14.23
N LEU A 171 13.26 -8.41 13.99
CA LEU A 171 13.14 -9.50 15.00
C LEU A 171 14.26 -10.53 14.89
N GLY A 172 15.21 -10.29 14.01
CA GLY A 172 16.29 -11.24 13.82
C GLY A 172 15.97 -12.46 13.02
N ILE A 173 14.82 -12.46 12.33
CA ILE A 173 14.35 -13.58 11.51
C ILE A 173 14.98 -13.52 10.15
N GLU A 174 15.53 -14.64 9.71
CA GLU A 174 16.17 -14.66 8.45
C GLU A 174 15.17 -14.46 7.30
N VAL A 175 15.55 -13.64 6.33
CA VAL A 175 14.66 -13.44 5.20
C VAL A 175 15.25 -14.04 3.92
N PRO A 176 14.49 -14.85 3.21
CA PRO A 176 15.04 -15.40 1.95
C PRO A 176 15.18 -14.34 0.89
N GLU A 177 16.02 -14.65 -0.09
CA GLU A 177 16.33 -13.75 -1.13
C GLU A 177 15.78 -14.32 -2.40
N VAL A 178 14.85 -13.62 -3.04
CA VAL A 178 14.37 -14.03 -4.33
C VAL A 178 15.36 -13.59 -5.42
N ARG A 179 15.74 -14.55 -6.25
CA ARG A 179 16.57 -14.29 -7.39
C ARG A 179 15.76 -14.03 -8.64
N ARG A 180 16.05 -12.92 -9.31
CA ARG A 180 15.35 -12.55 -10.57
C ARG A 180 16.32 -12.69 -11.75
N ASP A 181 16.53 -13.94 -12.17
CA ASP A 181 17.50 -14.22 -13.24
C ASP A 181 17.30 -13.37 -14.46
N GLY A 182 16.15 -13.13 -15.02
CA GLY A 182 16.59 -12.44 -16.40
C GLY A 182 16.88 -10.91 -16.21
N LEU A 183 16.79 -10.43 -14.99
CA LEU A 183 16.25 -9.07 -14.82
C LEU A 183 17.17 -8.02 -15.36
N PRO A 184 16.71 -7.24 -16.34
CA PRO A 184 17.64 -6.22 -16.81
C PRO A 184 18.00 -5.12 -15.83
N SER A 185 19.22 -4.66 -16.07
CA SER A 185 19.71 -3.37 -15.61
C SER A 185 19.72 -2.30 -16.78
N GLU B 28 -16.24 26.33 -7.14
CA GLU B 28 -16.40 27.41 -8.16
C GLU B 28 -15.88 27.05 -9.56
N ASN B 29 -16.67 27.39 -10.58
CA ASN B 29 -16.36 27.05 -11.96
C ASN B 29 -15.48 28.15 -12.59
N THR B 30 -14.17 28.01 -12.37
CA THR B 30 -13.11 28.95 -12.85
C THR B 30 -12.23 28.18 -13.79
N SER B 31 -11.50 28.85 -14.69
CA SER B 31 -10.56 28.25 -15.62
C SER B 31 -9.57 27.38 -14.88
N GLU B 32 -9.20 27.81 -13.68
CA GLU B 32 -8.17 27.09 -13.01
C GLU B 32 -8.71 25.77 -12.43
N ASN B 33 -9.90 25.83 -11.81
CA ASN B 33 -10.53 24.56 -11.31
C ASN B 33 -10.83 23.68 -12.50
N ARG B 34 -11.34 24.23 -13.56
CA ARG B 34 -11.59 23.44 -14.81
C ARG B 34 -10.36 22.71 -15.32
N ALA B 35 -9.21 23.37 -15.28
CA ALA B 35 -7.97 22.79 -15.78
C ALA B 35 -7.57 21.60 -14.88
N GLN B 36 -7.75 21.74 -13.57
CA GLN B 36 -7.43 20.67 -12.62
C GLN B 36 -8.34 19.44 -12.92
N VAL B 37 -9.62 19.66 -13.09
CA VAL B 37 -10.51 18.62 -13.46
C VAL B 37 -10.06 17.96 -14.75
N ALA B 38 -9.72 18.69 -15.78
CA ALA B 38 -9.34 18.10 -17.08
C ALA B 38 -8.08 17.21 -16.93
N ALA B 39 -7.13 17.72 -16.17
CA ALA B 39 -5.87 16.99 -15.94
C ALA B 39 -6.19 15.69 -15.22
N ARG B 40 -7.01 15.74 -14.16
CA ARG B 40 -7.40 14.54 -13.43
C ARG B 40 -8.09 13.53 -14.31
N GLN B 41 -8.98 14.01 -15.14
CA GLN B 41 -9.73 13.16 -16.06
C GLN B 41 -8.84 12.45 -17.09
N HIS B 42 -7.88 13.17 -17.63
CA HIS B 42 -6.92 12.59 -18.56
C HIS B 42 -6.04 11.57 -17.87
N ASN B 43 -5.52 11.96 -16.70
CA ASN B 43 -4.59 11.08 -16.00
C ASN B 43 -5.31 9.79 -15.60
N ARG B 44 -6.59 9.88 -15.20
CA ARG B 44 -7.35 8.72 -14.81
C ARG B 44 -7.46 7.75 -15.94
N LYS B 45 -7.71 8.26 -17.16
CA LYS B 45 -7.81 7.38 -18.34
C LYS B 45 -6.48 6.64 -18.54
N ILE B 46 -5.35 7.27 -18.25
CA ILE B 46 -4.06 6.58 -18.42
C ILE B 46 -3.87 5.54 -17.35
N VAL B 47 -4.25 5.81 -16.12
CA VAL B 47 -4.25 4.78 -15.05
C VAL B 47 -5.06 3.60 -15.47
N GLU B 48 -6.28 3.88 -15.97
CA GLU B 48 -7.18 2.77 -16.43
C GLU B 48 -6.48 1.94 -17.52
N GLN B 49 -5.91 2.64 -18.48
CA GLN B 49 -5.23 1.94 -19.53
C GLN B 49 -4.11 1.08 -19.00
N TYR B 50 -3.29 1.64 -18.15
CA TYR B 50 -2.18 0.89 -17.55
C TYR B 50 -2.67 -0.39 -16.93
N MET B 51 -3.70 -0.25 -16.10
CA MET B 51 -4.20 -1.40 -15.35
C MET B 51 -4.85 -2.46 -16.20
N HIS B 52 -5.29 -2.07 -17.37
CA HIS B 52 -5.90 -3.05 -18.27
C HIS B 52 -4.96 -3.60 -19.32
N THR B 53 -3.69 -3.14 -19.32
CA THR B 53 -2.76 -3.61 -20.33
C THR B 53 -2.30 -5.04 -20.07
N ARG B 54 -2.55 -5.92 -21.05
CA ARG B 54 -2.30 -7.31 -20.95
C ARG B 54 -1.63 -7.80 -22.21
N GLY B 55 -1.01 -8.96 -22.04
CA GLY B 55 -0.47 -9.65 -23.16
C GLY B 55 0.60 -8.85 -23.87
N GLU B 56 0.68 -9.00 -25.20
CA GLU B 56 1.76 -8.39 -25.94
C GLU B 56 1.67 -6.88 -25.87
N ALA B 57 0.53 -6.33 -25.56
CA ALA B 57 0.39 -4.90 -25.30
C ALA B 57 1.31 -4.39 -24.18
N ARG B 58 1.68 -5.26 -23.24
CA ARG B 58 2.64 -4.89 -22.21
C ARG B 58 4.00 -4.43 -22.75
N LEU B 59 4.32 -4.85 -23.99
CA LEU B 59 5.54 -4.43 -24.57
C LEU B 59 5.58 -2.95 -24.97
N LYS B 60 4.39 -2.30 -24.97
CA LYS B 60 4.27 -0.88 -25.22
C LYS B 60 3.74 -0.04 -24.04
N ARG B 61 3.66 -0.67 -22.86
CA ARG B 61 3.16 0.09 -21.68
C ARG B 61 4.05 1.25 -21.29
N HIS B 62 5.33 1.09 -21.60
CA HIS B 62 6.32 2.12 -21.33
C HIS B 62 6.02 3.42 -22.00
N LEU B 63 5.24 3.38 -23.08
CA LEU B 63 4.91 4.61 -23.80
C LEU B 63 3.99 5.57 -23.02
N LEU B 64 3.42 5.04 -21.92
CA LEU B 64 2.58 5.83 -21.00
C LEU B 64 3.39 6.69 -20.07
N PHE B 65 4.71 6.55 -20.09
CA PHE B 65 5.61 7.23 -19.17
C PHE B 65 6.33 8.41 -19.80
N THR B 66 6.73 9.35 -18.97
CA THR B 66 7.65 10.41 -19.38
C THR B 66 8.95 9.76 -19.81
N GLU B 67 9.82 10.52 -20.55
CA GLU B 67 11.06 9.94 -20.98
C GLU B 67 11.92 9.53 -19.84
N ASP B 68 11.88 10.27 -18.70
CA ASP B 68 12.68 9.95 -17.57
C ASP B 68 11.82 9.23 -16.49
N GLY B 69 10.67 8.74 -16.89
CA GLY B 69 9.79 8.11 -15.91
C GLY B 69 10.34 6.87 -15.27
N VAL B 70 9.88 6.59 -14.06
CA VAL B 70 10.34 5.44 -13.26
C VAL B 70 9.16 4.55 -12.95
N GLY B 71 9.41 3.25 -13.00
CA GLY B 71 8.46 2.30 -12.45
C GLY B 71 9.18 1.24 -11.66
N GLY B 72 8.43 0.34 -11.04
CA GLY B 72 9.09 -0.80 -10.41
C GLY B 72 8.39 -1.24 -9.12
N LEU B 73 9.11 -2.05 -8.35
CA LEU B 73 8.60 -2.80 -7.20
C LEU B 73 9.18 -2.17 -5.97
N TRP B 74 8.31 -1.66 -5.09
CA TRP B 74 8.81 -0.94 -3.90
C TRP B 74 8.85 -1.84 -2.68
N THR B 75 8.25 -3.03 -2.73
CA THR B 75 8.26 -3.95 -1.62
C THR B 75 8.97 -5.26 -2.04
N THR B 76 10.21 -5.36 -1.61
CA THR B 76 11.06 -6.44 -1.94
C THR B 76 11.58 -7.10 -0.69
N ASP B 77 12.15 -8.28 -0.88
CA ASP B 77 12.75 -8.96 0.28
C ASP B 77 13.92 -8.29 0.86
N SER B 78 14.62 -7.50 0.07
CA SER B 78 15.76 -6.75 0.57
C SER B 78 15.44 -5.48 1.26
N GLY B 79 14.23 -4.97 1.14
CA GLY B 79 13.85 -3.74 1.77
C GLY B 79 14.14 -2.54 0.91
N GLN B 80 14.81 -2.70 -0.23
CA GLN B 80 15.02 -1.61 -1.10
C GLN B 80 14.22 -1.78 -2.41
N PRO B 81 13.70 -0.67 -2.95
CA PRO B 81 12.96 -0.82 -4.24
C PRO B 81 13.81 -1.37 -5.33
N ILE B 82 13.16 -1.93 -6.33
CA ILE B 82 13.80 -2.12 -7.59
C ILE B 82 13.14 -1.15 -8.58
N ALA B 83 13.84 -0.10 -8.90
CA ALA B 83 13.42 1.02 -9.67
C ALA B 83 13.95 0.84 -11.05
N ILE B 84 13.05 0.94 -12.03
CA ILE B 84 13.45 0.88 -13.48
C ILE B 84 13.33 2.31 -14.01
N ARG B 85 14.48 2.93 -14.41
CA ARG B 85 14.54 4.35 -14.63
CA ARG B 85 14.47 4.40 -14.64
C ARG B 85 14.66 4.68 -16.09
N GLY B 86 13.61 5.27 -16.62
CA GLY B 86 13.57 5.72 -17.94
C GLY B 86 12.63 4.93 -18.78
N ARG B 87 11.98 5.66 -19.68
CA ARG B 87 11.06 5.06 -20.61
C ARG B 87 11.69 3.92 -21.41
N GLU B 88 12.85 4.09 -21.99
CA GLU B 88 13.45 2.97 -22.67
C GLU B 88 13.79 1.79 -21.84
N LYS B 89 14.30 2.06 -20.64
CA LYS B 89 14.57 0.95 -19.73
C LYS B 89 13.30 0.23 -19.32
N LEU B 90 12.19 0.98 -19.18
CA LEU B 90 10.93 0.31 -18.88
C LEU B 90 10.49 -0.58 -20.00
N GLY B 91 10.72 -0.17 -21.24
CA GLY B 91 10.40 -1.06 -22.37
C GLY B 91 11.21 -2.30 -22.46
N GLU B 92 12.49 -2.17 -22.11
CA GLU B 92 13.33 -3.32 -22.06
C GLU B 92 12.90 -4.26 -20.91
N HIS B 93 12.52 -3.69 -19.76
CA HIS B 93 12.02 -4.43 -18.65
C HIS B 93 10.77 -5.23 -18.99
N ALA B 94 9.92 -4.70 -19.90
CA ALA B 94 8.69 -5.33 -20.24
C ALA B 94 8.93 -6.73 -20.85
N VAL B 95 10.08 -6.90 -21.54
CA VAL B 95 10.40 -8.19 -22.11
C VAL B 95 10.56 -9.26 -21.02
N TRP B 96 11.27 -8.91 -19.97
CA TRP B 96 11.45 -9.76 -18.82
C TRP B 96 10.13 -10.00 -18.13
N SER B 97 9.33 -8.96 -17.92
CA SER B 97 8.08 -9.12 -17.16
C SER B 97 7.15 -10.02 -17.92
N LEU B 98 7.06 -9.86 -19.24
CA LEU B 98 6.23 -10.75 -20.05
C LEU B 98 6.63 -12.21 -20.08
N GLN B 99 7.94 -12.40 -20.02
CA GLN B 99 8.46 -13.75 -19.86
C GLN B 99 8.11 -14.40 -18.52
N CYS B 100 8.28 -13.63 -17.44
CA CYS B 100 8.18 -14.19 -16.08
C CYS B 100 6.77 -14.20 -15.58
N PHE B 101 5.88 -13.37 -16.13
CA PHE B 101 4.46 -13.35 -15.76
C PHE B 101 3.64 -13.37 -17.05
N PRO B 102 3.67 -14.51 -17.72
CA PRO B 102 3.19 -14.58 -19.15
C PRO B 102 1.71 -14.38 -19.42
N ASP B 103 0.89 -14.48 -18.40
CA ASP B 103 -0.55 -14.37 -18.51
C ASP B 103 -1.23 -13.44 -17.51
N TRP B 104 -0.42 -12.55 -16.95
CA TRP B 104 -0.85 -11.76 -15.83
C TRP B 104 -2.06 -10.90 -16.13
N VAL B 105 -2.96 -10.88 -15.14
CA VAL B 105 -4.04 -9.98 -15.14
C VAL B 105 -4.23 -9.28 -13.78
N TRP B 106 -4.51 -7.97 -13.81
CA TRP B 106 -4.95 -7.20 -12.64
C TRP B 106 -6.46 -7.29 -12.58
N THR B 107 -6.98 -7.52 -11.35
CA THR B 107 -8.39 -7.71 -11.10
C THR B 107 -8.85 -6.86 -9.95
N ASP B 108 -10.15 -6.68 -9.81
CA ASP B 108 -10.68 -6.02 -8.57
CA ASP B 108 -10.76 -5.93 -8.70
C ASP B 108 -10.08 -4.58 -8.48
N ILE B 109 -9.97 -3.90 -9.59
CA ILE B 109 -9.29 -2.61 -9.66
C ILE B 109 -10.15 -1.54 -9.08
N GLN B 110 -9.61 -0.83 -8.09
CA GLN B 110 -10.24 0.38 -7.51
CA GLN B 110 -10.26 0.42 -7.63
C GLN B 110 -9.28 1.55 -7.69
N ILE B 111 -9.68 2.56 -8.47
CA ILE B 111 -8.87 3.74 -8.68
C ILE B 111 -9.29 4.85 -7.73
N PHE B 112 -8.28 5.40 -7.04
CA PHE B 112 -8.45 6.51 -6.15
C PHE B 112 -7.78 7.72 -6.72
N GLU B 113 -8.62 8.71 -7.03
CA GLU B 113 -8.16 10.05 -7.26
C GLU B 113 -7.77 10.64 -5.99
N THR B 114 -6.92 11.68 -6.02
CA THR B 114 -6.50 12.39 -4.80
C THR B 114 -6.71 13.91 -4.99
N GLN B 115 -6.38 14.67 -3.94
CA GLN B 115 -6.41 16.13 -4.03
C GLN B 115 -5.44 16.66 -5.06
N ASP B 116 -4.39 15.86 -5.40
CA ASP B 116 -3.43 16.22 -6.40
C ASP B 116 -3.89 15.59 -7.71
N PRO B 117 -4.24 16.41 -8.73
CA PRO B 117 -4.70 15.85 -9.96
C PRO B 117 -3.68 14.97 -10.65
N ASN B 118 -2.38 15.08 -10.25
CA ASN B 118 -1.30 14.29 -10.79
C ASN B 118 -0.90 13.11 -9.89
N TRP B 119 -1.72 12.72 -8.93
CA TRP B 119 -1.36 11.57 -8.12
C TRP B 119 -2.61 10.75 -7.92
N PHE B 120 -2.47 9.44 -8.22
CA PHE B 120 -3.53 8.47 -8.03
C PHE B 120 -2.97 7.29 -7.24
N TRP B 121 -3.86 6.54 -6.58
CA TRP B 121 -3.51 5.26 -5.99
C TRP B 121 -4.52 4.26 -6.57
N VAL B 122 -4.06 3.04 -6.69
CA VAL B 122 -4.90 1.90 -7.14
C VAL B 122 -4.76 0.78 -6.11
N GLU B 123 -5.90 0.23 -5.68
CA GLU B 123 -5.93 -1.01 -4.92
C GLU B 123 -6.50 -2.07 -5.84
N CYS B 124 -5.83 -3.24 -5.92
CA CYS B 124 -6.26 -4.27 -6.80
C CYS B 124 -5.71 -5.61 -6.36
N ARG B 125 -6.19 -6.65 -7.01
CA ARG B 125 -5.59 -7.94 -6.95
C ARG B 125 -4.92 -8.28 -8.27
N GLY B 126 -4.16 -9.35 -8.30
CA GLY B 126 -3.49 -9.75 -9.52
C GLY B 126 -3.26 -11.26 -9.41
N GLU B 127 -3.24 -11.94 -10.56
CA GLU B 127 -3.05 -13.37 -10.60
CA GLU B 127 -2.87 -13.37 -10.56
C GLU B 127 -2.43 -13.79 -11.92
N GLY B 128 -1.60 -14.83 -11.88
CA GLY B 128 -1.12 -15.42 -13.09
C GLY B 128 0.03 -16.37 -12.80
N ALA B 129 0.51 -17.07 -13.82
CA ALA B 129 1.69 -17.87 -13.65
C ALA B 129 2.88 -16.99 -13.32
N ILE B 130 3.81 -17.57 -12.54
CA ILE B 130 5.07 -17.01 -12.24
C ILE B 130 6.14 -18.00 -12.70
N VAL B 131 7.11 -17.49 -13.52
CA VAL B 131 8.05 -18.31 -14.24
C VAL B 131 9.41 -17.61 -14.06
N PHE B 132 10.01 -17.87 -12.91
CA PHE B 132 11.24 -17.33 -12.55
C PHE B 132 12.26 -18.45 -12.65
N PRO B 133 13.30 -18.21 -13.42
CA PRO B 133 14.35 -19.22 -13.50
C PRO B 133 14.94 -19.51 -12.10
N GLY B 134 15.09 -20.81 -11.87
CA GLY B 134 15.72 -21.24 -10.59
C GLY B 134 14.71 -21.67 -9.58
N TYR B 135 13.47 -21.39 -9.93
CA TYR B 135 12.34 -21.85 -9.17
C TYR B 135 11.43 -22.70 -10.04
N PRO B 136 10.61 -23.53 -9.41
CA PRO B 136 9.61 -24.17 -10.22
C PRO B 136 8.56 -23.24 -10.76
N ARG B 137 7.94 -23.51 -11.87
CA ARG B 137 6.81 -22.71 -12.34
C ARG B 137 5.72 -22.78 -11.32
N GLY B 138 5.10 -21.61 -11.08
CA GLY B 138 4.09 -21.54 -10.07
C GLY B 138 2.99 -20.58 -10.44
N GLN B 139 2.06 -20.51 -9.55
CA GLN B 139 0.88 -19.64 -9.68
CA GLN B 139 0.94 -19.61 -9.70
C GLN B 139 1.01 -18.58 -8.58
N TYR B 140 0.93 -17.35 -9.00
CA TYR B 140 1.08 -16.23 -8.07
C TYR B 140 -0.18 -15.42 -8.03
N ARG B 141 -0.60 -15.12 -6.79
CA ARG B 141 -1.75 -14.25 -6.50
C ARG B 141 -1.31 -13.33 -5.38
N ASN B 142 -1.68 -12.06 -5.50
CA ASN B 142 -1.41 -11.11 -4.44
C ASN B 142 -2.46 -9.98 -4.41
N HIS B 143 -2.29 -9.19 -3.38
CA HIS B 143 -3.07 -7.93 -3.17
C HIS B 143 -2.03 -6.86 -3.44
N PHE B 144 -2.40 -5.82 -4.17
CA PHE B 144 -1.46 -4.80 -4.63
C PHE B 144 -2.05 -3.41 -4.35
N LEU B 145 -1.11 -2.49 -4.05
CA LEU B 145 -1.36 -1.05 -4.14
C LEU B 145 -0.37 -0.49 -5.14
N HIS B 146 -0.84 0.34 -6.04
CA HIS B 146 0.06 1.02 -6.98
C HIS B 146 -0.12 2.53 -6.76
N SER B 147 0.99 3.22 -6.84
CA SER B 147 1.02 4.66 -6.85
C SER B 147 1.37 5.15 -8.25
N PHE B 148 0.65 6.15 -8.76
CA PHE B 148 0.92 6.74 -10.03
C PHE B 148 0.99 8.25 -9.91
N ARG B 149 2.14 8.80 -10.21
CA ARG B 149 2.35 10.25 -10.27
C ARG B 149 2.62 10.64 -11.75
N PHE B 150 2.01 11.76 -12.14
CA PHE B 150 1.98 12.22 -13.51
C PHE B 150 2.76 13.52 -13.66
N GLU B 151 3.24 13.74 -14.87
CA GLU B 151 3.80 15.05 -15.28
C GLU B 151 3.52 15.21 -16.75
N ASN B 152 2.86 16.30 -17.08
CA ASN B 152 2.52 16.52 -18.48
C ASN B 152 1.66 15.39 -19.08
N GLY B 153 0.71 14.83 -18.30
CA GLY B 153 -0.18 13.75 -18.76
C GLY B 153 0.46 12.40 -19.07
N LEU B 154 1.70 12.20 -18.64
CA LEU B 154 2.34 10.89 -18.74
C LEU B 154 2.84 10.55 -17.34
N ILE B 155 3.04 9.25 -17.15
CA ILE B 155 3.41 8.74 -15.82
C ILE B 155 4.91 9.07 -15.59
N LYS B 156 5.20 9.83 -14.54
CA LYS B 156 6.52 10.14 -14.04
C LYS B 156 7.05 9.08 -13.07
N GLU B 157 6.14 8.48 -12.27
CA GLU B 157 6.53 7.49 -11.30
C GLU B 157 5.34 6.54 -11.00
N GLN B 158 5.62 5.28 -11.24
CA GLN B 158 4.75 4.19 -10.85
C GLN B 158 5.50 3.35 -9.83
N ARG B 159 4.78 2.97 -8.77
CA ARG B 159 5.35 2.13 -7.75
C ARG B 159 4.36 1.06 -7.31
N GLU B 160 4.82 -0.18 -7.23
CA GLU B 160 4.01 -1.35 -6.81
C GLU B 160 4.39 -1.70 -5.40
N PHE B 161 3.33 -1.89 -4.59
CA PHE B 161 3.46 -2.34 -3.21
C PHE B 161 2.60 -3.59 -3.06
N MET B 162 3.23 -4.66 -2.55
CA MET B 162 2.58 -5.92 -2.31
C MET B 162 3.19 -6.59 -1.07
N ASN B 163 2.68 -7.78 -0.74
CA ASN B 163 3.23 -8.62 0.34
C ASN B 163 4.21 -9.64 -0.24
N PRO B 164 5.51 -9.36 -0.11
CA PRO B 164 6.48 -10.35 -0.69
C PRO B 164 6.30 -11.76 -0.28
N CYS B 165 5.67 -12.03 0.83
CA CYS B 165 5.47 -13.41 1.31
C CYS B 165 4.62 -14.22 0.37
N GLU B 166 3.66 -13.57 -0.27
CA GLU B 166 2.80 -14.32 -1.22
C GLU B 166 3.61 -14.69 -2.42
N GLN B 167 4.58 -13.86 -2.80
CA GLN B 167 5.48 -14.21 -3.91
C GLN B 167 6.40 -15.34 -3.47
N PHE B 168 6.91 -15.33 -2.25
CA PHE B 168 7.71 -16.44 -1.79
C PHE B 168 6.90 -17.70 -1.93
N ARG B 169 5.65 -17.73 -1.47
CA ARG B 169 4.78 -18.92 -1.55
C ARG B 169 4.73 -19.43 -3.01
N SER B 170 4.55 -18.52 -3.96
CA SER B 170 4.34 -18.92 -5.32
C SER B 170 5.56 -19.58 -5.87
N LEU B 171 6.76 -19.25 -5.35
CA LEU B 171 8.11 -19.72 -5.84
C LEU B 171 8.57 -20.93 -5.05
N GLY B 172 7.71 -21.41 -4.11
CA GLY B 172 8.08 -22.55 -3.26
C GLY B 172 9.09 -22.24 -2.17
N ILE B 173 9.28 -20.97 -1.82
CA ILE B 173 10.23 -20.54 -0.81
C ILE B 173 9.52 -20.51 0.53
N GLU B 174 10.13 -21.07 1.57
CA GLU B 174 9.45 -21.18 2.89
C GLU B 174 9.27 -19.76 3.43
N VAL B 175 8.08 -19.48 3.93
CA VAL B 175 7.80 -18.14 4.50
C VAL B 175 8.17 -18.17 5.98
N PRO B 176 9.02 -17.22 6.43
CA PRO B 176 9.28 -16.99 7.83
C PRO B 176 7.96 -16.69 8.57
N GLU B 177 7.87 -17.14 9.79
CA GLU B 177 6.67 -16.99 10.58
C GLU B 177 7.01 -16.06 11.76
N VAL B 178 6.15 -15.10 12.05
CA VAL B 178 6.25 -14.28 13.22
C VAL B 178 5.27 -14.80 14.22
N ARG B 179 5.70 -15.15 15.43
CA ARG B 179 4.68 -15.41 16.49
C ARG B 179 4.37 -14.12 17.20
N ARG B 180 3.09 -13.84 17.43
CA ARG B 180 2.65 -12.71 18.20
C ARG B 180 1.98 -13.15 19.46
N ASP B 181 2.83 -13.61 20.40
CA ASP B 181 2.37 -14.15 21.63
C ASP B 181 1.72 -13.06 22.43
N GLY B 182 0.54 -13.38 22.91
CA GLY B 182 -0.17 -12.49 23.78
C GLY B 182 -1.04 -11.53 23.02
N LEU B 183 -0.97 -11.57 21.69
CA LEU B 183 -1.83 -10.72 20.95
C LEU B 183 -3.27 -11.06 21.31
N PRO B 184 -4.01 -10.08 21.83
CA PRO B 184 -5.37 -10.39 22.19
C PRO B 184 -6.22 -10.76 21.02
N SER B 185 -7.29 -11.44 21.38
CA SER B 185 -8.08 -12.26 20.48
C SER B 185 -9.48 -11.63 20.45
#